data_4FZJ
#
_entry.id   4FZJ
#
_cell.length_a   48.290
_cell.length_b   70.900
_cell.length_c   81.830
_cell.angle_alpha   90.00
_cell.angle_beta   99.54
_cell.angle_gamma   90.00
#
_symmetry.space_group_name_H-M   'P 1 21 1'
#
loop_
_entity.id
_entity.type
_entity.pdbx_description
1 polymer 'Pantothenate synthetase'
2 non-polymer ETHANOL
3 non-polymer 1,2-ETHANEDIOL
4 non-polymer '1,3-dimethyl-1H-thieno[2,3-c]pyrazole-5-carboxylic acid'
5 non-polymer GLYCEROL
6 water water
#
_entity_poly.entity_id   1
_entity_poly.type   'polypeptide(L)'
_entity_poly.pdbx_seq_one_letter_code
;MAIPAFHPGELNVYSAPGDVADVSRALRLTGRRVMLVPTMGALHEGHLALVRAAKRVPGSVVVVSIFVNPMQFGAGGDLD
AYPRTPDDDLAQLRAEGVEIAFTPTTAAMYPDGLRTTVQPGPLAAELEGGPRPTHFAGVLTVVLKLLQIVRPDRVFFGEK
DYQQLVLIRQLVADFNLDVAVVGVPTVREADGLAMSSRNRYLDPAQRAAAVALSAALTAAAHAATAGAQAALDAARAVLD
AAPGVAVDYLELRDIGLGPMPLNGSGRLLVAARLGTTRLLDNIAIEIGTFAGTDRPDGYRA
;
_entity_poly.pdbx_strand_id   A,B
#
loop_
_chem_comp.id
_chem_comp.type
_chem_comp.name
_chem_comp.formula
0W1 non-polymer '1,3-dimethyl-1H-thieno[2,3-c]pyrazole-5-carboxylic acid' 'C8 H8 N2 O2 S'
EDO non-polymer 1,2-ETHANEDIOL 'C2 H6 O2'
EOH non-polymer ETHANOL 'C2 H6 O'
GOL non-polymer GLYCEROL 'C3 H8 O3'
#
# COMPACT_ATOMS: atom_id res chain seq x y z
N ILE A 3 -25.01 7.45 -4.04
CA ILE A 3 -24.11 8.23 -3.13
C ILE A 3 -24.92 8.94 -2.00
N PRO A 4 -24.24 9.37 -0.90
CA PRO A 4 -24.99 10.21 0.05
C PRO A 4 -25.06 11.66 -0.47
N ALA A 5 -25.60 12.58 0.34
CA ALA A 5 -25.75 13.98 -0.07
C ALA A 5 -24.43 14.79 -0.10
N PHE A 6 -24.23 15.56 -1.17
CA PHE A 6 -23.19 16.59 -1.26
C PHE A 6 -23.70 18.00 -1.59
N HIS A 7 -23.57 18.89 -0.62
CA HIS A 7 -23.91 20.34 -0.78
C HIS A 7 -22.70 21.26 -1.05
N PRO A 8 -22.51 21.73 -2.31
CA PRO A 8 -21.42 22.67 -2.61
C PRO A 8 -21.49 23.95 -1.82
N GLY A 9 -20.33 24.55 -1.63
CA GLY A 9 -20.20 25.78 -0.84
C GLY A 9 -20.66 25.60 0.60
N GLU A 10 -20.78 24.32 1.01
CA GLU A 10 -20.99 24.00 2.41
C GLU A 10 -19.97 22.93 2.86
N LEU A 11 -19.76 22.83 4.16
CA LEU A 11 -18.92 21.73 4.70
C LEU A 11 -19.82 20.52 4.93
N ASN A 12 -19.46 19.42 4.26
CA ASN A 12 -20.15 18.13 4.28
C ASN A 12 -19.23 17.20 5.06
N VAL A 13 -19.71 16.64 6.16
CA VAL A 13 -18.85 15.79 7.01
C VAL A 13 -19.34 14.35 6.80
N TYR A 14 -18.40 13.46 6.45
CA TYR A 14 -18.67 12.03 6.26
C TYR A 14 -17.77 11.25 7.20
N SER A 15 -18.35 10.30 7.93
N SER A 15 -18.34 10.27 7.90
CA SER A 15 -17.55 9.42 8.75
CA SER A 15 -17.54 9.41 8.74
C SER A 15 -17.28 8.10 8.01
C SER A 15 -17.34 8.03 8.11
N ALA A 16 -18.24 7.63 7.22
CA ALA A 16 -18.11 6.31 6.56
C ALA A 16 -17.15 6.34 5.39
N PRO A 17 -16.11 5.49 5.39
CA PRO A 17 -15.22 5.50 4.20
C PRO A 17 -15.98 5.41 2.87
N GLY A 18 -16.94 4.46 2.79
CA GLY A 18 -17.73 4.32 1.54
C GLY A 18 -18.49 5.59 1.12
N ASP A 19 -18.92 6.40 2.11
CA ASP A 19 -19.57 7.65 1.79
C ASP A 19 -18.61 8.61 1.11
N VAL A 20 -17.42 8.84 1.70
CA VAL A 20 -16.53 9.80 1.07
C VAL A 20 -15.97 9.26 -0.22
N ALA A 21 -15.88 7.93 -0.35
CA ALA A 21 -15.31 7.37 -1.58
C ALA A 21 -16.31 7.63 -2.70
N ASP A 22 -17.58 7.46 -2.39
CA ASP A 22 -18.61 7.56 -3.46
C ASP A 22 -18.75 9.03 -3.87
N VAL A 23 -18.67 9.96 -2.90
CA VAL A 23 -18.74 11.36 -3.20
C VAL A 23 -17.56 11.83 -3.99
N SER A 24 -16.36 11.43 -3.53
CA SER A 24 -15.12 11.75 -4.24
C SER A 24 -15.18 11.28 -5.71
N ARG A 25 -15.58 10.02 -5.94
CA ARG A 25 -15.57 9.44 -7.28
C ARG A 25 -16.60 10.17 -8.12
N ALA A 26 -17.74 10.49 -7.53
CA ALA A 26 -18.79 11.24 -8.27
C ALA A 26 -18.30 12.65 -8.66
N LEU A 27 -17.62 13.33 -7.73
CA LEU A 27 -17.06 14.64 -8.06
C LEU A 27 -15.97 14.57 -9.13
N ARG A 28 -15.06 13.60 -9.04
CA ARG A 28 -14.06 13.46 -10.05
C ARG A 28 -14.70 13.23 -11.44
N LEU A 29 -15.75 12.42 -11.46
CA LEU A 29 -16.48 12.12 -12.71
C LEU A 29 -17.14 13.36 -13.32
N THR A 30 -17.39 14.41 -12.54
CA THR A 30 -18.02 15.59 -13.12
C THR A 30 -16.99 16.65 -13.46
N GLY A 31 -15.72 16.29 -13.29
CA GLY A 31 -14.67 17.22 -13.67
C GLY A 31 -13.89 17.87 -12.55
N ARG A 32 -14.39 17.84 -11.31
CA ARG A 32 -13.67 18.52 -10.21
C ARG A 32 -12.39 17.74 -9.88
N ARG A 33 -11.30 18.41 -9.55
CA ARG A 33 -10.13 17.69 -9.10
C ARG A 33 -10.11 17.57 -7.60
N VAL A 34 -9.76 16.40 -7.07
CA VAL A 34 -9.99 16.18 -5.64
C VAL A 34 -8.66 16.35 -4.96
N MET A 35 -8.64 17.17 -3.93
CA MET A 35 -7.43 17.46 -3.20
C MET A 35 -7.60 16.85 -1.82
N LEU A 36 -6.59 16.14 -1.36
CA LEU A 36 -6.66 15.60 0.00
C LEU A 36 -5.63 16.25 0.95
N VAL A 37 -6.10 16.70 2.12
CA VAL A 37 -5.21 17.21 3.16
C VAL A 37 -5.41 16.28 4.44
N PRO A 38 -4.54 15.32 4.65
CA PRO A 38 -4.65 14.39 5.80
C PRO A 38 -4.13 15.05 7.01
N THR A 39 -4.95 14.99 8.05
CA THR A 39 -4.54 15.58 9.32
C THR A 39 -4.95 14.67 10.48
N MET A 40 -4.35 15.01 11.65
CA MET A 40 -4.77 14.36 12.89
C MET A 40 -5.61 15.30 13.76
N GLY A 41 -6.16 16.33 13.13
CA GLY A 41 -7.02 17.25 13.92
C GLY A 41 -6.12 18.21 14.70
N ALA A 42 -6.72 18.87 15.68
CA ALA A 42 -6.04 19.94 16.43
C ALA A 42 -5.44 20.96 15.49
N LEU A 43 -6.27 21.50 14.60
CA LEU A 43 -5.81 22.23 13.47
C LEU A 43 -5.30 23.62 13.92
N HIS A 44 -4.20 24.01 13.31
CA HIS A 44 -3.64 25.35 13.47
C HIS A 44 -3.23 25.93 12.07
N GLU A 45 -2.60 27.11 12.03
CA GLU A 45 -2.42 27.79 10.74
C GLU A 45 -1.52 27.00 9.78
N GLY A 46 -0.70 26.13 10.34
CA GLY A 46 0.11 25.22 9.53
C GLY A 46 -0.79 24.33 8.68
N HIS A 47 -1.79 23.73 9.33
CA HIS A 47 -2.78 22.93 8.58
C HIS A 47 -3.56 23.79 7.60
N LEU A 48 -3.87 25.04 8.00
CA LEU A 48 -4.67 25.94 7.15
C LEU A 48 -3.92 26.34 5.88
N ALA A 49 -2.61 26.42 6.01
CA ALA A 49 -1.76 26.65 4.82
C ALA A 49 -1.85 25.49 3.80
N LEU A 50 -1.97 24.25 4.30
CA LEU A 50 -2.16 23.11 3.38
C LEU A 50 -3.51 23.25 2.73
N VAL A 51 -4.53 23.54 3.53
CA VAL A 51 -5.87 23.76 3.00
C VAL A 51 -5.88 24.86 1.92
N ARG A 52 -5.27 25.98 2.24
CA ARG A 52 -5.23 27.09 1.27
C ARG A 52 -4.52 26.72 -0.01
N ALA A 53 -3.44 25.95 0.08
CA ALA A 53 -2.72 25.46 -1.12
C ALA A 53 -3.60 24.57 -1.97
N ALA A 54 -4.36 23.70 -1.30
CA ALA A 54 -5.32 22.83 -1.98
C ALA A 54 -6.40 23.65 -2.69
N LYS A 55 -6.90 24.67 -2.01
CA LYS A 55 -8.00 25.49 -2.55
C LYS A 55 -7.61 26.19 -3.82
N ARG A 56 -6.34 26.56 -3.93
CA ARG A 56 -5.95 27.39 -5.07
C ARG A 56 -5.76 26.60 -6.35
N VAL A 57 -5.84 25.28 -6.28
CA VAL A 57 -5.73 24.47 -7.49
C VAL A 57 -7.05 24.64 -8.24
N PRO A 58 -7.02 25.06 -9.54
CA PRO A 58 -8.37 25.40 -10.05
C PRO A 58 -9.36 24.21 -10.20
N GLY A 59 -10.62 24.48 -9.87
CA GLY A 59 -11.74 23.52 -9.97
C GLY A 59 -11.62 22.44 -8.87
N SER A 60 -10.76 22.68 -7.90
CA SER A 60 -10.57 21.65 -6.88
C SER A 60 -11.79 21.54 -5.93
N VAL A 61 -12.01 20.32 -5.42
CA VAL A 61 -12.82 20.17 -4.21
C VAL A 61 -11.80 19.66 -3.14
N VAL A 62 -11.87 20.22 -1.93
CA VAL A 62 -10.88 19.94 -0.90
C VAL A 62 -11.47 18.99 0.10
N VAL A 63 -10.77 17.85 0.27
CA VAL A 63 -11.13 16.93 1.34
C VAL A 63 -10.10 17.02 2.44
N VAL A 64 -10.52 17.33 3.66
CA VAL A 64 -9.60 17.32 4.77
C VAL A 64 -9.98 16.11 5.61
N SER A 65 -9.02 15.20 5.85
CA SER A 65 -9.35 14.09 6.76
C SER A 65 -8.81 14.38 8.15
N ILE A 66 -9.56 13.92 9.16
CA ILE A 66 -9.19 14.12 10.56
C ILE A 66 -9.32 12.76 11.18
N PHE A 67 -8.21 12.21 11.58
CA PHE A 67 -8.10 10.83 12.13
C PHE A 67 -6.85 10.74 12.96
N VAL A 68 -7.06 10.48 14.26
CA VAL A 68 -5.89 10.23 15.11
C VAL A 68 -5.64 8.77 14.94
N ASN A 69 -4.50 8.49 14.35
CA ASN A 69 -4.26 7.16 13.86
C ASN A 69 -3.58 6.31 14.89
N PRO A 70 -4.32 5.40 15.53
CA PRO A 70 -3.63 4.70 16.61
C PRO A 70 -2.34 3.91 16.20
N MET A 71 -2.21 3.53 14.93
CA MET A 71 -1.10 2.66 14.50
C MET A 71 0.32 3.35 14.52
N GLN A 72 0.32 4.68 14.49
CA GLN A 72 1.58 5.41 14.47
C GLN A 72 2.01 5.85 15.90
N PHE A 73 1.26 5.42 16.91
CA PHE A 73 1.59 5.64 18.32
C PHE A 73 2.08 4.32 19.01
N GLY A 74 3.12 4.42 19.83
CA GLY A 74 3.54 3.29 20.70
C GLY A 74 3.19 3.76 22.10
N ALA A 75 4.18 3.83 23.00
CA ALA A 75 3.90 4.40 24.34
C ALA A 75 2.84 3.56 25.14
N GLY A 76 2.53 3.93 26.39
CA GLY A 76 3.11 5.09 27.07
C GLY A 76 2.21 6.32 26.98
N GLY A 77 0.94 6.13 26.59
CA GLY A 77 -0.10 7.17 26.78
C GLY A 77 -0.12 8.30 25.75
N ASP A 78 0.72 8.15 24.72
CA ASP A 78 0.85 9.16 23.69
C ASP A 78 -0.45 9.34 22.93
N LEU A 79 -1.10 8.21 22.64
CA LEU A 79 -2.37 8.23 21.89
C LEU A 79 -3.45 8.92 22.70
N ASP A 80 -3.52 8.59 23.97
CA ASP A 80 -4.61 9.20 24.76
C ASP A 80 -4.39 10.69 24.97
N ALA A 81 -3.11 11.08 24.95
CA ALA A 81 -2.69 12.47 25.21
C ALA A 81 -2.75 13.35 23.98
N TYR A 82 -2.89 12.76 22.79
CA TYR A 82 -2.93 13.62 21.62
C TYR A 82 -4.11 14.63 21.64
N PRO A 83 -3.85 15.95 21.31
CA PRO A 83 -4.99 16.92 21.56
C PRO A 83 -6.19 16.70 20.65
N ARG A 84 -7.40 16.72 21.21
CA ARG A 84 -8.56 16.48 20.34
C ARG A 84 -9.45 17.71 20.50
N THR A 85 -9.69 18.45 19.41
CA THR A 85 -10.50 19.71 19.47
C THR A 85 -11.40 19.70 18.22
N PRO A 86 -12.30 18.74 18.16
CA PRO A 86 -13.16 18.49 17.00
C PRO A 86 -14.05 19.71 16.63
N ASP A 87 -14.54 20.44 17.63
CA ASP A 87 -15.47 21.57 17.36
C ASP A 87 -14.78 22.71 16.64
N ASP A 88 -13.64 23.11 17.18
CA ASP A 88 -12.82 24.11 16.59
C ASP A 88 -12.36 23.62 15.19
N ASP A 89 -11.94 22.35 15.07
CA ASP A 89 -11.47 21.86 13.75
C ASP A 89 -12.53 22.12 12.65
N LEU A 90 -13.74 21.63 12.85
CA LEU A 90 -14.76 21.78 11.84
C LEU A 90 -15.13 23.23 11.60
N ALA A 91 -15.09 24.03 12.66
CA ALA A 91 -15.27 25.48 12.54
C ALA A 91 -14.21 26.15 11.67
N GLN A 92 -12.95 25.88 11.94
CA GLN A 92 -11.88 26.31 11.05
C GLN A 92 -12.12 25.89 9.60
N LEU A 93 -12.58 24.65 9.38
CA LEU A 93 -12.73 24.21 7.99
C LEU A 93 -13.84 24.95 7.31
N ARG A 94 -14.97 25.13 8.01
CA ARG A 94 -16.05 25.96 7.46
C ARG A 94 -15.55 27.38 7.10
N ALA A 95 -14.70 27.98 7.94
CA ALA A 95 -14.19 29.34 7.68
C ALA A 95 -13.32 29.41 6.44
N GLU A 96 -12.68 28.26 6.13
CA GLU A 96 -11.77 28.20 5.00
C GLU A 96 -12.46 27.79 3.71
N GLY A 97 -13.76 27.56 3.76
CA GLY A 97 -14.56 27.17 2.62
C GLY A 97 -14.32 25.73 2.15
N VAL A 98 -13.76 24.90 3.02
CA VAL A 98 -13.63 23.46 2.68
C VAL A 98 -14.98 22.81 2.54
N GLU A 99 -15.13 21.99 1.52
CA GLU A 99 -16.42 21.34 1.27
C GLU A 99 -16.52 19.95 1.81
N ILE A 100 -15.38 19.28 2.03
CA ILE A 100 -15.51 17.89 2.62
C ILE A 100 -14.57 17.69 3.86
N ALA A 101 -15.15 17.20 4.97
CA ALA A 101 -14.31 16.71 6.04
C ALA A 101 -14.60 15.19 6.16
N PHE A 102 -13.53 14.42 6.29
CA PHE A 102 -13.69 12.97 6.39
C PHE A 102 -13.19 12.61 7.79
N THR A 103 -14.09 12.11 8.63
CA THR A 103 -13.78 11.90 10.07
C THR A 103 -14.13 10.42 10.38
N PRO A 104 -13.32 9.45 9.91
CA PRO A 104 -13.70 8.05 10.12
C PRO A 104 -13.45 7.61 11.59
N THR A 105 -14.19 6.59 11.97
CA THR A 105 -13.95 5.95 13.28
C THR A 105 -12.80 4.97 13.20
N THR A 106 -12.21 4.62 14.36
CA THR A 106 -11.19 3.61 14.41
C THR A 106 -11.68 2.27 13.85
N ALA A 107 -12.89 1.92 14.18
CA ALA A 107 -13.47 0.66 13.69
C ALA A 107 -13.63 0.62 12.20
N ALA A 108 -13.90 1.78 11.60
CA ALA A 108 -14.15 1.85 10.16
C ALA A 108 -12.79 1.67 9.48
N MET A 109 -11.72 2.22 10.10
CA MET A 109 -10.38 2.14 9.45
C MET A 109 -9.71 0.81 9.69
N TYR A 110 -9.93 0.20 10.87
CA TYR A 110 -9.21 -1.02 11.34
C TYR A 110 -10.22 -2.07 11.82
N PRO A 111 -11.15 -2.50 10.93
CA PRO A 111 -12.18 -3.45 11.38
C PRO A 111 -11.51 -4.78 11.73
N ASP A 112 -10.34 -5.08 11.13
CA ASP A 112 -9.64 -6.33 11.42
C ASP A 112 -8.40 -6.18 12.21
N GLY A 113 -8.25 -5.04 12.87
CA GLY A 113 -7.04 -4.76 13.61
C GLY A 113 -5.91 -4.55 12.62
N LEU A 114 -4.70 -4.78 13.06
CA LEU A 114 -3.50 -4.65 12.22
C LEU A 114 -3.31 -5.94 11.54
N ARG A 115 -3.41 -5.91 10.22
CA ARG A 115 -3.27 -7.12 9.46
C ARG A 115 -2.26 -6.76 8.34
N THR A 116 -2.72 -6.47 7.12
CA THR A 116 -1.71 -6.13 6.08
C THR A 116 -1.28 -4.67 6.40
N THR A 117 0.01 -4.42 6.31
CA THR A 117 0.52 -3.07 6.60
C THR A 117 1.59 -2.71 5.62
N VAL A 118 1.96 -1.45 5.66
CA VAL A 118 3.03 -0.92 4.79
C VAL A 118 4.32 -1.00 5.58
N GLN A 119 5.31 -1.63 4.96
CA GLN A 119 6.67 -1.68 5.56
C GLN A 119 7.53 -0.61 4.84
N PRO A 120 7.87 0.49 5.54
CA PRO A 120 8.69 1.52 4.85
C PRO A 120 10.11 1.01 4.59
N GLY A 121 10.83 1.72 3.73
CA GLY A 121 12.27 1.47 3.59
C GLY A 121 13.06 1.93 4.83
N PRO A 122 14.39 1.86 4.70
CA PRO A 122 15.29 1.97 5.87
C PRO A 122 15.27 3.37 6.45
N LEU A 123 14.82 4.36 5.70
CA LEU A 123 14.67 5.75 6.28
C LEU A 123 13.77 5.76 7.48
N ALA A 124 12.82 4.81 7.54
CA ALA A 124 11.90 4.84 8.68
C ALA A 124 12.57 4.48 10.01
N ALA A 125 13.78 3.90 9.95
CA ALA A 125 14.50 3.47 11.23
C ALA A 125 15.45 4.57 11.67
N GLU A 126 15.46 5.66 10.92
CA GLU A 126 16.36 6.78 11.29
C GLU A 126 15.63 7.99 11.83
N LEU A 127 16.43 8.92 12.43
CA LEU A 127 15.87 10.21 12.90
C LEU A 127 14.69 9.94 13.84
N GLU A 128 13.44 10.36 13.50
CA GLU A 128 12.27 10.16 14.34
C GLU A 128 11.99 8.66 14.54
N GLY A 129 12.37 7.83 13.59
CA GLY A 129 12.08 6.38 13.76
C GLY A 129 13.10 5.59 14.58
N GLY A 130 14.20 6.22 15.04
CA GLY A 130 15.28 5.40 15.59
C GLY A 130 14.73 4.79 16.87
N PRO A 131 14.12 5.62 17.72
CA PRO A 131 13.58 5.01 18.93
C PRO A 131 12.15 4.52 18.83
N ARG A 132 11.55 4.66 17.62
CA ARG A 132 10.10 4.41 17.39
C ARG A 132 10.01 3.65 16.10
N PRO A 133 10.47 2.40 16.11
CA PRO A 133 10.76 1.69 14.90
C PRO A 133 9.52 1.34 14.12
N THR A 134 8.34 1.43 14.73
CA THR A 134 7.08 1.11 14.00
C THR A 134 6.29 2.37 13.66
N HIS A 135 6.79 3.55 14.06
CA HIS A 135 5.99 4.75 13.89
C HIS A 135 5.60 5.00 12.41
N PHE A 136 6.58 4.98 11.54
CA PHE A 136 6.33 5.41 10.11
C PHE A 136 5.58 4.35 9.37
N ALA A 137 5.70 3.10 9.79
CA ALA A 137 4.81 2.04 9.18
C ALA A 137 3.35 2.41 9.49
N GLY A 138 3.06 2.85 10.71
CA GLY A 138 1.75 3.37 11.04
C GLY A 138 1.24 4.50 10.16
N VAL A 139 2.13 5.46 10.02
CA VAL A 139 1.84 6.66 9.18
C VAL A 139 1.59 6.25 7.73
N LEU A 140 2.49 5.47 7.13
CA LEU A 140 2.33 5.12 5.71
C LEU A 140 1.10 4.23 5.47
N THR A 141 0.80 3.39 6.45
CA THR A 141 -0.38 2.51 6.31
C THR A 141 -1.64 3.38 6.27
N VAL A 142 -1.72 4.34 7.18
N VAL A 142 -1.77 4.34 7.18
CA VAL A 142 -2.93 5.13 7.23
CA VAL A 142 -2.99 5.16 7.17
C VAL A 142 -3.02 6.04 5.99
C VAL A 142 -3.04 6.00 5.92
N VAL A 143 -1.89 6.56 5.51
CA VAL A 143 -1.91 7.47 4.39
C VAL A 143 -2.29 6.64 3.14
N LEU A 144 -1.77 5.42 3.01
CA LEU A 144 -2.17 4.63 1.84
C LEU A 144 -3.66 4.39 1.87
N LYS A 145 -4.19 4.04 3.02
CA LYS A 145 -5.65 3.79 3.08
C LYS A 145 -6.45 5.04 2.71
N LEU A 146 -6.04 6.18 3.22
CA LEU A 146 -6.75 7.44 2.88
C LEU A 146 -6.66 7.74 1.41
N LEU A 147 -5.49 7.47 0.78
CA LEU A 147 -5.34 7.76 -0.64
C LEU A 147 -6.28 6.84 -1.42
N GLN A 148 -6.45 5.63 -0.93
CA GLN A 148 -7.30 4.69 -1.71
C GLN A 148 -8.76 4.97 -1.54
N ILE A 149 -9.11 5.45 -0.37
CA ILE A 149 -10.51 5.80 -0.04
C ILE A 149 -10.92 6.99 -0.91
N VAL A 150 -10.10 8.02 -0.81
CA VAL A 150 -10.45 9.34 -1.41
C VAL A 150 -10.04 9.43 -2.87
N ARG A 151 -8.98 8.73 -3.29
CA ARG A 151 -8.39 8.81 -4.63
C ARG A 151 -8.23 10.25 -5.14
N PRO A 152 -7.48 11.07 -4.39
CA PRO A 152 -7.24 12.47 -4.80
C PRO A 152 -6.30 12.54 -5.98
N ASP A 153 -6.39 13.68 -6.68
CA ASP A 153 -5.37 14.04 -7.65
C ASP A 153 -4.07 14.51 -7.03
N ARG A 154 -4.17 15.18 -5.88
CA ARG A 154 -3.01 15.68 -5.16
C ARG A 154 -3.27 15.53 -3.71
N VAL A 155 -2.21 15.32 -2.98
CA VAL A 155 -2.27 15.20 -1.52
C VAL A 155 -1.22 16.14 -0.95
N PHE A 156 -1.57 16.83 0.13
CA PHE A 156 -0.78 18.00 0.70
C PHE A 156 -0.20 17.64 2.07
N PHE A 157 1.11 17.77 2.21
CA PHE A 157 1.74 17.49 3.53
C PHE A 157 2.67 18.65 3.84
N GLY A 158 2.89 18.90 5.13
CA GLY A 158 3.81 19.98 5.60
C GLY A 158 5.26 19.57 5.47
N GLU A 159 6.10 20.52 5.12
CA GLU A 159 7.56 20.36 5.34
C GLU A 159 7.99 20.29 6.81
N LYS A 160 7.14 20.72 7.74
N LYS A 160 7.15 20.68 7.76
CA LYS A 160 7.46 20.64 9.15
CA LYS A 160 7.52 20.64 9.18
C LYS A 160 7.94 19.21 9.45
C LYS A 160 7.84 19.22 9.63
N ASP A 161 7.08 18.23 9.13
CA ASP A 161 7.41 16.83 9.38
C ASP A 161 8.12 16.36 8.11
N TYR A 162 9.38 16.78 7.94
CA TYR A 162 10.03 16.60 6.66
C TYR A 162 10.32 15.15 6.33
N GLN A 163 10.75 14.41 7.33
CA GLN A 163 11.05 12.95 7.16
C GLN A 163 9.76 12.21 6.78
N GLN A 164 8.63 12.59 7.38
CA GLN A 164 7.35 12.01 6.98
C GLN A 164 7.05 12.31 5.50
N LEU A 165 7.27 13.57 5.09
CA LEU A 165 6.99 13.94 3.71
C LEU A 165 7.86 13.13 2.75
N VAL A 166 9.13 12.96 3.06
CA VAL A 166 10.03 12.20 2.19
C VAL A 166 9.56 10.70 2.07
N LEU A 167 9.17 10.18 3.24
CA LEU A 167 8.62 8.81 3.29
C LEU A 167 7.34 8.69 2.51
N ILE A 168 6.49 9.72 2.54
N ILE A 168 6.49 9.71 2.56
CA ILE A 168 5.31 9.66 1.69
CA ILE A 168 5.30 9.72 1.68
C ILE A 168 5.61 9.78 0.20
C ILE A 168 5.70 9.68 0.22
N ARG A 169 6.69 10.49 -0.18
CA ARG A 169 7.06 10.47 -1.60
C ARG A 169 7.59 9.09 -1.94
N GLN A 170 8.25 8.41 -0.98
CA GLN A 170 8.76 7.05 -1.32
C GLN A 170 7.57 6.09 -1.47
N LEU A 171 6.56 6.25 -0.63
CA LEU A 171 5.33 5.38 -0.71
C LEU A 171 4.73 5.57 -2.10
N VAL A 172 4.55 6.82 -2.45
CA VAL A 172 3.91 7.14 -3.75
C VAL A 172 4.69 6.57 -4.92
N ALA A 173 6.02 6.74 -4.92
CA ALA A 173 6.83 6.21 -6.04
C ALA A 173 6.84 4.67 -6.08
N ASP A 174 7.06 4.10 -4.92
CA ASP A 174 7.33 2.65 -4.78
C ASP A 174 6.10 1.81 -5.04
N PHE A 175 4.92 2.37 -4.72
CA PHE A 175 3.67 1.67 -5.05
C PHE A 175 2.95 2.24 -6.26
N ASN A 176 3.62 3.08 -7.06
CA ASN A 176 3.07 3.58 -8.33
C ASN A 176 1.71 4.26 -8.14
N LEU A 177 1.54 5.00 -7.05
CA LEU A 177 0.26 5.66 -6.76
C LEU A 177 0.09 6.84 -7.71
N ASP A 178 -1.14 6.96 -8.20
N ASP A 178 -1.10 7.07 -8.26
CA ASP A 178 -1.52 7.99 -9.14
CA ASP A 178 -1.22 8.10 -9.34
C ASP A 178 -2.02 9.20 -8.37
C ASP A 178 -1.25 9.60 -8.83
N VAL A 179 -1.14 9.77 -7.55
CA VAL A 179 -1.41 11.03 -6.85
C VAL A 179 -0.15 11.86 -6.90
N ALA A 180 -0.26 13.18 -7.01
CA ALA A 180 0.90 14.05 -6.84
C ALA A 180 1.03 14.50 -5.38
N VAL A 181 2.25 14.40 -4.88
CA VAL A 181 2.55 14.84 -3.49
C VAL A 181 3.03 16.32 -3.50
N VAL A 182 2.36 17.17 -2.72
CA VAL A 182 2.70 18.57 -2.63
C VAL A 182 3.21 18.82 -1.24
N GLY A 183 4.43 19.27 -1.12
CA GLY A 183 5.03 19.69 0.19
C GLY A 183 4.77 21.18 0.40
N VAL A 184 4.30 21.60 1.59
CA VAL A 184 3.94 22.98 1.83
C VAL A 184 4.91 23.53 2.90
N PRO A 185 5.53 24.69 2.63
CA PRO A 185 6.54 25.15 3.59
C PRO A 185 5.97 25.44 4.96
N THR A 186 6.83 25.27 5.95
CA THR A 186 6.48 25.44 7.36
C THR A 186 5.96 26.85 7.68
N VAL A 187 4.83 26.91 8.38
CA VAL A 187 4.23 28.17 8.80
C VAL A 187 4.77 28.49 10.19
N ARG A 188 5.21 29.76 10.37
CA ARG A 188 5.96 30.08 11.62
C ARG A 188 5.30 31.21 12.41
N GLU A 189 5.42 31.15 13.73
CA GLU A 189 5.04 32.28 14.56
C GLU A 189 5.94 33.47 14.19
N ALA A 190 5.57 34.67 14.66
CA ALA A 190 6.38 35.86 14.37
C ALA A 190 7.87 35.74 14.75
N ASP A 191 8.21 35.04 15.85
CA ASP A 191 9.61 34.88 16.24
C ASP A 191 10.33 33.74 15.51
N GLY A 192 9.61 33.01 14.64
CA GLY A 192 10.21 31.87 13.94
C GLY A 192 9.76 30.49 14.42
N LEU A 193 9.13 30.34 15.61
CA LEU A 193 8.79 28.99 16.09
C LEU A 193 7.86 28.30 15.05
N ALA A 194 8.18 27.09 14.62
CA ALA A 194 7.32 26.31 13.66
C ALA A 194 5.98 26.06 14.33
N MET A 195 4.88 26.26 13.59
N MET A 195 4.89 26.22 13.60
CA MET A 195 3.52 25.85 14.05
CA MET A 195 3.58 25.85 14.18
C MET A 195 3.55 24.37 14.43
C MET A 195 3.47 24.35 14.39
N SER A 196 2.92 23.98 15.56
CA SER A 196 2.78 22.55 15.87
C SER A 196 1.67 22.39 16.87
N SER A 197 0.94 21.27 16.79
N SER A 197 0.97 21.26 16.76
CA SER A 197 -0.09 20.97 17.82
CA SER A 197 -0.04 20.84 17.77
C SER A 197 0.55 20.54 19.15
C SER A 197 0.60 20.87 19.17
N ARG A 198 1.89 20.55 19.23
CA ARG A 198 2.56 20.40 20.53
C ARG A 198 3.01 21.68 21.22
N ASN A 199 2.92 22.80 20.53
CA ASN A 199 3.40 24.05 21.11
C ASN A 199 2.48 24.42 22.28
N ARG A 200 1.25 23.88 22.29
CA ARG A 200 0.32 24.16 23.42
C ARG A 200 0.87 23.64 24.75
N TYR A 201 1.82 22.72 24.70
CA TYR A 201 2.39 22.17 25.90
C TYR A 201 3.64 22.89 26.44
N LEU A 202 4.01 23.98 25.77
CA LEU A 202 5.10 24.87 26.24
C LEU A 202 4.58 25.89 27.23
N ASP A 203 5.15 25.92 28.42
CA ASP A 203 4.81 27.01 29.36
C ASP A 203 5.55 28.28 28.92
N PRO A 204 5.27 29.44 29.53
CA PRO A 204 5.84 30.73 29.04
C PRO A 204 7.36 30.70 28.87
N ALA A 205 8.05 30.09 29.82
CA ALA A 205 9.52 29.99 29.82
C ALA A 205 9.93 29.11 28.67
N GLN A 206 9.26 27.97 28.54
CA GLN A 206 9.63 27.00 27.47
C GLN A 206 9.27 27.62 26.12
N ARG A 207 8.16 28.33 26.03
CA ARG A 207 7.87 28.96 24.74
C ARG A 207 8.95 29.96 24.36
N ALA A 208 9.43 30.73 25.35
CA ALA A 208 10.51 31.69 25.07
C ALA A 208 11.79 30.98 24.63
N ALA A 209 12.15 29.89 25.32
CA ALA A 209 13.37 29.11 25.04
C ALA A 209 13.29 28.46 23.61
N ALA A 210 12.06 28.11 23.20
CA ALA A 210 11.86 27.27 21.99
C ALA A 210 12.19 28.01 20.68
N VAL A 211 12.31 29.33 20.72
CA VAL A 211 12.76 30.12 19.54
C VAL A 211 14.16 29.65 19.16
N ALA A 212 14.90 29.03 20.06
CA ALA A 212 16.28 28.56 19.72
C ALA A 212 16.36 27.57 18.58
N LEU A 213 15.30 26.81 18.36
CA LEU A 213 15.37 25.83 17.29
C LEU A 213 15.40 26.55 15.95
N SER A 214 14.46 27.43 15.72
CA SER A 214 14.37 28.17 14.41
C SER A 214 15.62 29.11 14.29
N ALA A 215 15.99 29.74 15.40
CA ALA A 215 17.16 30.65 15.39
C ALA A 215 18.41 29.85 14.99
N ALA A 216 18.58 28.67 15.62
CA ALA A 216 19.74 27.80 15.29
C ALA A 216 19.73 27.47 13.77
N LEU A 217 18.57 27.05 13.27
CA LEU A 217 18.51 26.60 11.87
C LEU A 217 18.72 27.75 10.89
N THR A 218 18.14 28.93 11.15
N THR A 218 18.16 28.90 11.25
CA THR A 218 18.39 30.03 10.22
CA THR A 218 18.29 30.01 10.37
C THR A 218 19.84 30.52 10.35
C THR A 218 19.75 30.54 10.39
N ALA A 219 20.38 30.51 11.56
CA ALA A 219 21.83 30.84 11.70
C ALA A 219 22.69 29.89 10.85
N ALA A 220 22.37 28.60 10.92
CA ALA A 220 23.16 27.63 10.13
C ALA A 220 22.97 27.89 8.66
N ALA A 221 21.75 28.21 8.22
CA ALA A 221 21.55 28.35 6.77
C ALA A 221 22.38 29.50 6.20
N HIS A 222 22.55 30.54 7.06
CA HIS A 222 23.39 31.68 6.64
C HIS A 222 24.86 31.41 6.80
N ALA A 223 25.24 30.68 7.87
CA ALA A 223 26.61 30.24 8.12
C ALA A 223 27.12 29.35 6.99
N ALA A 224 26.19 28.77 6.22
CA ALA A 224 26.54 27.65 5.32
C ALA A 224 27.38 28.10 4.12
N THR A 225 27.52 29.42 3.92
N THR A 225 27.51 29.42 3.87
CA THR A 225 28.43 29.95 2.88
CA THR A 225 28.49 29.88 2.83
C THR A 225 29.90 29.61 3.20
C THR A 225 29.86 29.38 3.17
N ALA A 226 30.14 29.33 4.47
CA ALA A 226 31.41 28.88 5.00
C ALA A 226 31.57 27.36 5.18
N GLY A 227 30.57 26.59 4.79
CA GLY A 227 30.66 25.11 4.69
C GLY A 227 29.81 24.42 5.73
N ALA A 228 29.85 23.10 5.69
CA ALA A 228 28.99 22.34 6.59
C ALA A 228 29.39 22.43 8.05
N GLN A 229 30.67 22.33 8.38
CA GLN A 229 31.08 22.44 9.75
C GLN A 229 30.64 23.79 10.35
N ALA A 230 30.81 24.87 9.60
CA ALA A 230 30.42 26.19 10.08
C ALA A 230 28.91 26.19 10.38
N ALA A 231 28.12 25.65 9.46
CA ALA A 231 26.64 25.71 9.59
C ALA A 231 26.23 24.94 10.85
N LEU A 232 26.75 23.69 10.98
CA LEU A 232 26.42 22.87 12.15
C LEU A 232 26.89 23.50 13.46
N ASP A 233 28.08 24.10 13.40
CA ASP A 233 28.62 24.66 14.68
C ASP A 233 27.84 25.90 15.06
N ALA A 234 27.31 26.66 14.07
CA ALA A 234 26.50 27.85 14.39
C ALA A 234 25.23 27.33 15.06
N ALA A 235 24.62 26.33 14.47
CA ALA A 235 23.33 25.86 15.07
C ALA A 235 23.60 25.31 16.45
N ARG A 236 24.66 24.54 16.63
CA ARG A 236 24.92 23.96 17.93
C ARG A 236 25.16 25.03 18.99
N ALA A 237 25.81 26.10 18.59
CA ALA A 237 26.08 27.20 19.53
C ALA A 237 24.80 27.83 20.03
N VAL A 238 23.83 28.05 19.12
CA VAL A 238 22.60 28.72 19.48
C VAL A 238 21.84 27.78 20.42
N LEU A 239 21.82 26.48 20.05
CA LEU A 239 21.12 25.48 20.91
C LEU A 239 21.77 25.38 22.29
N ASP A 240 23.10 25.41 22.32
CA ASP A 240 23.87 25.43 23.57
C ASP A 240 23.62 26.65 24.44
N ALA A 241 23.26 27.78 23.86
CA ALA A 241 23.04 29.02 24.62
C ALA A 241 21.61 29.03 25.18
N ALA A 242 20.81 28.00 24.86
CA ALA A 242 19.36 28.08 25.18
C ALA A 242 19.08 27.32 26.42
N PRO A 243 18.48 28.02 27.42
CA PRO A 243 18.14 27.45 28.74
C PRO A 243 17.17 26.31 28.54
N GLY A 244 17.50 25.11 28.96
CA GLY A 244 16.41 24.11 29.07
C GLY A 244 15.99 23.50 27.75
N VAL A 245 16.80 23.68 26.72
CA VAL A 245 16.56 22.94 25.50
C VAL A 245 17.49 21.74 25.54
N ALA A 246 16.94 20.52 25.45
CA ALA A 246 17.78 19.33 25.36
C ALA A 246 17.68 18.73 24.00
N VAL A 247 18.80 18.78 23.30
CA VAL A 247 18.75 18.33 21.90
C VAL A 247 18.78 16.82 21.80
N ASP A 248 17.90 16.24 20.98
N ASP A 248 17.82 16.27 21.05
CA ASP A 248 17.87 14.78 20.72
CA ASP A 248 17.77 14.88 20.68
C ASP A 248 18.66 14.39 19.43
C ASP A 248 18.83 14.66 19.59
N TYR A 249 18.59 15.24 18.42
CA TYR A 249 19.48 15.12 17.27
C TYR A 249 19.55 16.47 16.54
N LEU A 250 20.70 16.69 15.91
CA LEU A 250 20.90 17.82 15.01
C LEU A 250 21.68 17.28 13.85
N GLU A 251 21.02 17.16 12.68
CA GLU A 251 21.64 16.38 11.55
C GLU A 251 21.47 17.10 10.26
N LEU A 252 22.57 17.13 9.51
CA LEU A 252 22.55 17.73 8.21
C LEU A 252 22.62 16.60 7.21
N ARG A 253 21.61 16.51 6.35
CA ARG A 253 21.57 15.37 5.43
C ARG A 253 21.34 15.83 4.03
N ASP A 254 21.50 14.92 3.05
CA ASP A 254 21.00 15.18 1.72
C ASP A 254 19.51 15.50 1.76
N ILE A 255 18.97 16.22 0.77
CA ILE A 255 17.54 16.52 0.74
C ILE A 255 16.57 15.31 0.76
N GLY A 256 16.98 14.18 0.20
CA GLY A 256 16.10 13.01 0.27
C GLY A 256 16.34 12.19 1.51
N LEU A 257 17.24 12.67 2.40
CA LEU A 257 17.58 11.97 3.67
C LEU A 257 18.02 10.51 3.50
N GLY A 258 18.28 10.11 2.24
CA GLY A 258 18.56 8.71 1.79
C GLY A 258 20.04 8.34 1.82
N PRO A 259 20.40 7.20 1.21
CA PRO A 259 21.78 6.69 1.33
C PRO A 259 22.69 7.43 0.34
N MET A 260 22.73 8.75 0.48
CA MET A 260 23.66 9.52 -0.35
C MET A 260 24.28 10.68 0.44
N PRO A 261 25.53 11.03 0.09
CA PRO A 261 26.17 12.07 0.91
C PRO A 261 25.56 13.43 0.56
N LEU A 262 25.82 14.40 1.43
CA LEU A 262 25.53 15.82 1.16
C LEU A 262 26.41 16.33 0.01
N ASN A 263 25.77 16.86 -1.04
CA ASN A 263 26.46 17.71 -2.03
C ASN A 263 26.23 19.24 -1.73
N GLY A 264 25.59 19.94 -2.66
CA GLY A 264 25.34 21.36 -2.48
C GLY A 264 24.12 21.59 -1.62
N SER A 265 23.09 20.75 -1.78
CA SER A 265 21.78 21.02 -1.16
C SER A 265 21.55 20.00 -0.12
N GLY A 266 21.15 20.49 1.04
CA GLY A 266 20.99 19.63 2.21
C GLY A 266 19.72 20.04 2.94
N ARG A 267 19.43 19.28 3.98
CA ARG A 267 18.37 19.66 4.92
C ARG A 267 18.94 19.47 6.28
N LEU A 268 18.79 20.51 7.15
CA LEU A 268 19.26 20.42 8.48
C LEU A 268 18.03 20.21 9.35
N LEU A 269 18.07 19.13 10.12
CA LEU A 269 16.93 18.73 10.97
C LEU A 269 17.29 18.75 12.41
N VAL A 270 16.37 19.23 13.24
CA VAL A 270 16.65 19.20 14.68
C VAL A 270 15.41 18.61 15.40
N ALA A 271 15.64 17.91 16.49
CA ALA A 271 14.58 17.57 17.45
C ALA A 271 15.11 17.83 18.83
N ALA A 272 14.29 18.44 19.69
CA ALA A 272 14.75 18.83 21.00
C ALA A 272 13.60 18.71 21.95
N ARG A 273 13.94 18.57 23.22
CA ARG A 273 12.92 18.47 24.26
C ARG A 273 12.95 19.68 25.10
N LEU A 274 11.78 20.24 25.38
CA LEU A 274 11.62 21.36 26.31
C LEU A 274 10.70 20.82 27.43
N GLY A 275 11.30 20.40 28.55
CA GLY A 275 10.44 19.67 29.54
C GLY A 275 10.06 18.32 28.92
N THR A 276 8.77 17.97 28.92
CA THR A 276 8.34 16.73 28.25
C THR A 276 7.96 16.92 26.78
N THR A 277 7.91 18.18 26.35
CA THR A 277 7.50 18.51 24.96
C THR A 277 8.63 18.36 23.95
N ARG A 278 8.40 17.50 22.95
CA ARG A 278 9.44 17.27 21.96
C ARG A 278 9.06 18.11 20.73
N LEU A 279 10.00 18.97 20.31
CA LEU A 279 9.73 19.88 19.18
C LEU A 279 10.64 19.50 18.04
N LEU A 280 10.15 19.61 16.80
CA LEU A 280 11.00 19.33 15.63
C LEU A 280 11.06 20.62 14.81
N ASP A 281 12.13 20.76 14.06
CA ASP A 281 12.13 21.76 12.97
C ASP A 281 13.19 21.36 11.96
N ASN A 282 13.13 21.97 10.80
CA ASN A 282 14.16 21.69 9.76
C ASN A 282 14.20 22.84 8.76
N ILE A 283 15.29 22.90 8.00
CA ILE A 283 15.42 23.98 7.03
C ILE A 283 16.26 23.49 5.88
N ALA A 284 15.99 24.11 4.74
CA ALA A 284 16.90 23.97 3.58
C ALA A 284 18.23 24.59 3.86
N ILE A 285 19.29 23.89 3.44
CA ILE A 285 20.68 24.37 3.61
C ILE A 285 21.32 24.29 2.19
N GLU A 286 21.99 25.37 1.79
CA GLU A 286 22.81 25.35 0.56
C GLU A 286 24.26 25.53 0.93
N ILE A 287 25.09 24.55 0.59
CA ILE A 287 26.45 24.58 1.10
C ILE A 287 27.28 25.43 0.12
N GLY A 288 28.05 26.37 0.71
CA GLY A 288 29.01 27.21 0.03
C GLY A 288 28.46 28.12 -1.06
N THR A 289 29.02 27.94 -2.26
CA THR A 289 28.55 28.61 -3.48
C THR A 289 27.13 28.21 -3.83
N ALA B 2 0.40 13.23 -24.50
CA ALA B 2 -0.25 12.39 -25.55
C ALA B 2 -0.41 10.94 -25.07
N ILE B 3 -1.59 10.36 -25.28
CA ILE B 3 -1.79 8.94 -24.96
C ILE B 3 -0.91 8.04 -25.91
N PRO B 4 -0.21 7.02 -25.37
CA PRO B 4 0.48 6.09 -26.30
C PRO B 4 -0.45 5.42 -27.35
N ALA B 5 0.12 5.06 -28.50
CA ALA B 5 -0.64 4.31 -29.51
C ALA B 5 -1.31 3.06 -28.91
N PHE B 6 -2.56 2.89 -29.27
CA PHE B 6 -3.42 1.75 -28.92
C PHE B 6 -4.28 1.43 -30.13
N HIS B 7 -4.09 0.22 -30.66
CA HIS B 7 -4.86 -0.30 -31.79
C HIS B 7 -5.87 -1.30 -31.32
N PRO B 8 -7.14 -0.92 -31.39
CA PRO B 8 -8.28 -1.76 -30.98
C PRO B 8 -8.27 -3.04 -31.77
N GLY B 9 -8.58 -4.14 -31.09
CA GLY B 9 -8.58 -5.47 -31.67
C GLY B 9 -7.20 -6.07 -31.97
N GLU B 10 -6.12 -5.44 -31.58
CA GLU B 10 -4.84 -6.08 -31.82
C GLU B 10 -4.18 -6.27 -30.44
N LEU B 11 -3.11 -7.05 -30.36
CA LEU B 11 -2.36 -7.16 -29.12
C LEU B 11 -1.33 -6.03 -29.02
N ASN B 12 -1.57 -5.12 -28.09
CA ASN B 12 -0.71 -3.94 -27.94
C ASN B 12 0.19 -4.23 -26.76
N VAL B 13 1.50 -4.24 -26.99
CA VAL B 13 2.42 -4.62 -25.96
C VAL B 13 3.14 -3.35 -25.43
N TYR B 14 3.10 -3.18 -24.12
CA TYR B 14 3.81 -2.08 -23.45
C TYR B 14 4.72 -2.60 -22.40
N SER B 15 5.92 -2.03 -22.36
N SER B 15 5.95 -2.08 -22.34
CA SER B 15 6.87 -2.43 -21.36
CA SER B 15 6.81 -2.47 -21.23
C SER B 15 7.09 -1.36 -20.31
C SER B 15 6.96 -1.37 -20.21
N ALA B 16 6.64 -0.12 -20.57
CA ALA B 16 6.82 0.95 -19.61
C ALA B 16 5.56 1.08 -18.75
N PRO B 17 5.70 1.07 -17.40
CA PRO B 17 4.52 1.26 -16.55
C PRO B 17 3.73 2.53 -16.88
N GLY B 18 4.41 3.67 -17.16
CA GLY B 18 3.66 4.85 -17.52
C GLY B 18 2.83 4.72 -18.76
N ASP B 19 3.34 4.00 -19.76
CA ASP B 19 2.57 3.78 -20.96
C ASP B 19 1.24 2.99 -20.72
N VAL B 20 1.36 1.88 -20.03
N VAL B 20 1.32 1.86 -20.05
CA VAL B 20 0.19 1.07 -19.79
CA VAL B 20 0.08 1.11 -19.81
C VAL B 20 -0.81 1.83 -18.88
C VAL B 20 -0.86 1.91 -18.90
N ALA B 21 -0.28 2.65 -17.98
CA ALA B 21 -1.08 3.43 -17.04
C ALA B 21 -1.91 4.46 -17.85
N ASP B 22 -1.22 5.11 -18.81
CA ASP B 22 -1.89 6.16 -19.61
C ASP B 22 -2.91 5.54 -20.56
N VAL B 23 -2.60 4.40 -21.20
CA VAL B 23 -3.56 3.76 -22.10
C VAL B 23 -4.74 3.20 -21.28
N SER B 24 -4.47 2.62 -20.11
CA SER B 24 -5.59 2.07 -19.34
C SER B 24 -6.55 3.24 -18.95
N ARG B 25 -5.99 4.35 -18.51
CA ARG B 25 -6.81 5.48 -18.04
C ARG B 25 -7.58 6.04 -19.24
N ALA B 26 -6.93 6.19 -20.39
CA ALA B 26 -7.65 6.62 -21.61
C ALA B 26 -8.80 5.65 -21.99
N LEU B 27 -8.56 4.34 -21.94
CA LEU B 27 -9.62 3.36 -22.28
C LEU B 27 -10.76 3.42 -21.29
N ARG B 28 -10.45 3.60 -20.00
CA ARG B 28 -11.49 3.72 -18.96
C ARG B 28 -12.38 4.94 -19.33
N LEU B 29 -11.75 6.03 -19.73
CA LEU B 29 -12.54 7.24 -20.08
C LEU B 29 -13.42 7.02 -21.30
N THR B 30 -13.04 6.10 -22.18
CA THR B 30 -13.86 5.74 -23.35
C THR B 30 -15.02 4.76 -23.04
N GLY B 31 -15.23 4.32 -21.81
N GLY B 31 -15.10 4.39 -21.76
CA GLY B 31 -16.33 3.37 -21.62
CA GLY B 31 -16.16 3.54 -21.19
C GLY B 31 -15.91 1.92 -21.81
C GLY B 31 -15.77 2.10 -20.88
N ARG B 32 -14.66 1.61 -21.45
CA ARG B 32 -14.25 0.21 -21.31
C ARG B 32 -14.09 -0.13 -19.84
N ARG B 33 -14.30 -1.41 -19.53
CA ARG B 33 -14.00 -1.91 -18.19
C ARG B 33 -12.66 -2.62 -18.23
N VAL B 34 -11.75 -2.23 -17.36
CA VAL B 34 -10.35 -2.66 -17.53
C VAL B 34 -10.16 -3.89 -16.66
N MET B 35 -9.76 -5.00 -17.24
CA MET B 35 -9.66 -6.23 -16.48
C MET B 35 -8.17 -6.54 -16.43
N LEU B 36 -7.65 -6.91 -15.26
CA LEU B 36 -6.22 -7.24 -15.19
C LEU B 36 -6.04 -8.74 -14.85
N VAL B 37 -5.14 -9.40 -15.58
CA VAL B 37 -4.82 -10.82 -15.39
C VAL B 37 -3.32 -10.87 -15.12
N PRO B 38 -2.90 -10.90 -13.82
CA PRO B 38 -1.44 -10.90 -13.56
C PRO B 38 -0.84 -12.32 -13.80
N THR B 39 0.27 -12.41 -14.51
CA THR B 39 0.92 -13.68 -14.72
C THR B 39 2.42 -13.53 -14.61
N MET B 40 3.08 -14.71 -14.55
CA MET B 40 4.52 -14.73 -14.67
C MET B 40 4.95 -15.36 -15.96
N GLY B 41 4.10 -15.28 -16.96
CA GLY B 41 4.43 -15.84 -18.27
C GLY B 41 4.39 -17.38 -18.24
N ALA B 42 5.02 -18.02 -19.26
CA ALA B 42 4.95 -19.47 -19.48
C ALA B 42 3.49 -19.89 -19.38
N LEU B 43 2.67 -19.29 -20.24
CA LEU B 43 1.22 -19.46 -20.11
C LEU B 43 0.74 -20.85 -20.47
N HIS B 44 -0.20 -21.34 -19.69
CA HIS B 44 -0.89 -22.61 -19.96
C HIS B 44 -2.39 -22.44 -19.83
N GLU B 45 -3.16 -23.52 -19.99
CA GLU B 45 -4.64 -23.35 -19.99
C GLU B 45 -5.20 -22.78 -18.73
N GLY B 46 -4.50 -22.93 -17.62
CA GLY B 46 -5.02 -22.32 -16.39
C GLY B 46 -4.99 -20.78 -16.56
N HIS B 47 -3.92 -20.23 -17.10
CA HIS B 47 -3.86 -18.79 -17.36
C HIS B 47 -4.89 -18.37 -18.38
N LEU B 48 -5.10 -19.22 -19.39
CA LEU B 48 -6.11 -18.84 -20.38
C LEU B 48 -7.53 -18.80 -19.78
N ALA B 49 -7.85 -19.65 -18.80
CA ALA B 49 -9.12 -19.55 -18.11
C ALA B 49 -9.28 -18.21 -17.42
N LEU B 50 -8.19 -17.64 -16.89
CA LEU B 50 -8.24 -16.29 -16.30
C LEU B 50 -8.60 -15.30 -17.42
N VAL B 51 -7.92 -15.43 -18.55
CA VAL B 51 -8.18 -14.55 -19.70
C VAL B 51 -9.60 -14.64 -20.17
N ARG B 52 -10.12 -15.87 -20.34
CA ARG B 52 -11.47 -16.01 -20.80
C ARG B 52 -12.51 -15.46 -19.85
N ALA B 53 -12.26 -15.61 -18.54
CA ALA B 53 -13.19 -15.06 -17.56
C ALA B 53 -13.21 -13.53 -17.70
N ALA B 54 -12.03 -12.94 -17.87
CA ALA B 54 -11.93 -11.46 -18.01
C ALA B 54 -12.65 -10.99 -19.27
N LYS B 55 -12.46 -11.74 -20.37
CA LYS B 55 -13.02 -11.32 -21.67
C LYS B 55 -14.50 -11.33 -21.66
N ARG B 56 -15.14 -12.18 -20.85
CA ARG B 56 -16.60 -12.21 -20.94
C ARG B 56 -17.33 -11.07 -20.30
N VAL B 57 -16.64 -10.24 -19.52
CA VAL B 57 -17.27 -9.05 -18.93
C VAL B 57 -17.60 -8.05 -20.06
N PRO B 58 -18.88 -7.62 -20.19
CA PRO B 58 -19.20 -6.78 -21.28
C PRO B 58 -18.44 -5.45 -21.14
N GLY B 59 -17.90 -5.04 -22.27
CA GLY B 59 -17.14 -3.80 -22.30
C GLY B 59 -15.66 -3.97 -21.94
N SER B 60 -15.25 -5.21 -21.69
CA SER B 60 -13.90 -5.50 -21.12
C SER B 60 -12.84 -5.03 -22.08
N VAL B 61 -11.72 -4.53 -21.55
CA VAL B 61 -10.44 -4.61 -22.28
C VAL B 61 -9.57 -5.45 -21.31
N VAL B 62 -8.85 -6.39 -21.88
CA VAL B 62 -8.08 -7.27 -21.04
C VAL B 62 -6.59 -6.89 -21.06
N VAL B 63 -6.02 -6.69 -19.85
CA VAL B 63 -4.60 -6.41 -19.69
C VAL B 63 -4.03 -7.60 -19.02
N VAL B 64 -3.07 -8.25 -19.70
CA VAL B 64 -2.32 -9.38 -19.10
C VAL B 64 -0.94 -8.91 -18.82
N SER B 65 -0.56 -8.88 -17.53
CA SER B 65 0.81 -8.57 -17.22
C SER B 65 1.67 -9.87 -17.19
N ILE B 66 2.92 -9.75 -17.65
CA ILE B 66 3.86 -10.89 -17.63
C ILE B 66 5.07 -10.30 -16.92
N PHE B 67 5.29 -10.77 -15.71
CA PHE B 67 6.39 -10.24 -14.92
C PHE B 67 6.85 -11.29 -13.96
N VAL B 68 8.12 -11.66 -14.07
CA VAL B 68 8.69 -12.54 -13.06
C VAL B 68 9.25 -11.75 -11.89
N ASN B 69 8.63 -11.92 -10.73
CA ASN B 69 8.99 -11.10 -9.58
C ASN B 69 10.33 -11.61 -9.07
N PRO B 70 11.30 -10.71 -8.88
CA PRO B 70 12.54 -11.25 -8.33
C PRO B 70 12.31 -11.55 -6.85
N MET B 71 11.20 -11.02 -6.33
CA MET B 71 10.90 -10.73 -4.92
C MET B 71 9.95 -11.75 -4.23
N GLN B 72 9.26 -12.56 -5.03
CA GLN B 72 8.50 -13.74 -4.55
C GLN B 72 9.25 -15.07 -4.81
N THR B 85 8.77 -19.23 -23.57
CA THR B 85 9.30 -18.14 -24.41
C THR B 85 8.37 -16.87 -24.31
N PRO B 86 8.96 -15.63 -24.35
CA PRO B 86 8.08 -14.43 -24.45
C PRO B 86 7.18 -14.48 -25.72
N ASP B 87 7.77 -14.89 -26.82
CA ASP B 87 7.06 -14.97 -28.11
C ASP B 87 5.88 -15.94 -28.13
N ASP B 88 6.10 -17.14 -27.56
CA ASP B 88 5.05 -18.12 -27.33
C ASP B 88 3.85 -17.55 -26.52
N ASP B 89 4.16 -16.96 -25.36
CA ASP B 89 3.12 -16.30 -24.53
C ASP B 89 2.33 -15.27 -25.31
N LEU B 90 3.01 -14.39 -26.00
CA LEU B 90 2.31 -13.34 -26.73
C LEU B 90 1.41 -13.90 -27.82
N ALA B 91 1.89 -14.95 -28.50
CA ALA B 91 1.07 -15.59 -29.51
C ALA B 91 -0.21 -16.16 -28.87
N GLN B 92 -0.08 -16.71 -27.68
CA GLN B 92 -1.24 -17.34 -27.01
C GLN B 92 -2.27 -16.25 -26.67
N LEU B 93 -1.77 -15.11 -26.19
CA LEU B 93 -2.65 -13.97 -25.90
C LEU B 93 -3.34 -13.38 -27.17
N ARG B 94 -2.60 -13.27 -28.27
CA ARG B 94 -3.20 -12.83 -29.51
C ARG B 94 -4.32 -13.76 -29.95
N ALA B 95 -4.10 -15.05 -29.77
CA ALA B 95 -5.10 -16.05 -30.18
C ALA B 95 -6.34 -15.98 -29.27
N GLU B 96 -6.18 -15.40 -28.07
CA GLU B 96 -7.31 -15.19 -27.16
C GLU B 96 -8.05 -13.87 -27.37
N GLY B 97 -7.54 -13.01 -28.26
CA GLY B 97 -8.14 -11.66 -28.45
C GLY B 97 -7.83 -10.65 -27.36
N VAL B 98 -6.78 -10.91 -26.60
CA VAL B 98 -6.31 -9.97 -25.57
C VAL B 98 -5.75 -8.70 -26.24
N GLU B 99 -6.14 -7.51 -25.76
CA GLU B 99 -5.66 -6.28 -26.43
C GLU B 99 -4.44 -5.63 -25.80
N ILE B 100 -4.14 -5.97 -24.53
CA ILE B 100 -2.97 -5.36 -23.91
C ILE B 100 -2.13 -6.38 -23.15
N ALA B 101 -0.82 -6.40 -23.43
CA ALA B 101 0.10 -7.12 -22.62
C ALA B 101 1.04 -6.13 -22.01
N PHE B 102 1.34 -6.30 -20.73
CA PHE B 102 2.23 -5.39 -20.02
C PHE B 102 3.42 -6.24 -19.63
N THR B 103 4.59 -5.89 -20.18
CA THR B 103 5.78 -6.75 -20.01
C THR B 103 6.95 -5.92 -19.46
N PRO B 104 6.88 -5.45 -18.22
CA PRO B 104 7.98 -4.59 -17.71
C PRO B 104 9.24 -5.34 -17.31
N THR B 105 10.40 -4.65 -17.35
CA THR B 105 11.62 -5.21 -16.78
C THR B 105 11.59 -5.08 -15.30
N THR B 106 12.47 -5.82 -14.62
CA THR B 106 12.64 -5.65 -13.18
C THR B 106 13.01 -4.21 -12.78
N ALA B 107 13.90 -3.61 -13.56
CA ALA B 107 14.28 -2.25 -13.22
C ALA B 107 13.12 -1.24 -13.43
N ALA B 108 12.21 -1.50 -14.38
CA ALA B 108 11.02 -0.62 -14.56
C ALA B 108 10.05 -0.76 -13.36
N MET B 109 9.94 -1.97 -12.85
CA MET B 109 9.13 -2.23 -11.64
C MET B 109 9.79 -1.73 -10.39
N TYR B 110 11.13 -1.81 -10.30
CA TYR B 110 11.82 -1.45 -9.08
C TYR B 110 12.93 -0.42 -9.37
N PRO B 111 12.56 0.78 -9.85
CA PRO B 111 13.62 1.73 -10.31
C PRO B 111 14.38 2.27 -9.13
N ASP B 112 13.79 2.22 -7.95
CA ASP B 112 14.55 2.55 -6.71
C ASP B 112 15.01 1.35 -5.90
N GLY B 113 14.98 0.15 -6.49
CA GLY B 113 15.26 -1.04 -5.75
C GLY B 113 14.14 -1.40 -4.79
N LEU B 114 14.46 -2.24 -3.83
CA LEU B 114 13.48 -2.71 -2.89
C LEU B 114 13.44 -1.71 -1.74
N ARG B 115 12.30 -1.05 -1.54
CA ARG B 115 12.28 0.00 -0.58
C ARG B 115 10.99 -0.16 0.28
N THR B 116 9.95 0.59 -0.05
CA THR B 116 8.63 0.40 0.59
C THR B 116 8.05 -0.91 0.06
N THR B 117 7.64 -1.75 1.03
CA THR B 117 7.01 -3.03 0.62
C THR B 117 5.70 -3.23 1.40
N VAL B 118 5.01 -4.31 1.01
CA VAL B 118 3.81 -4.65 1.74
C VAL B 118 4.20 -5.74 2.71
N GLN B 119 3.79 -5.56 3.95
N GLN B 119 3.79 -5.58 3.96
CA GLN B 119 3.88 -6.58 4.98
CA GLN B 119 3.94 -6.63 4.95
C GLN B 119 2.51 -7.30 5.07
C GLN B 119 2.60 -7.35 5.23
N PRO B 120 2.47 -8.59 4.71
CA PRO B 120 1.22 -9.32 4.97
C PRO B 120 0.92 -9.55 6.40
N GLY B 121 -0.33 -9.83 6.66
CA GLY B 121 -0.71 -10.32 7.99
C GLY B 121 -0.17 -11.72 8.25
N PRO B 122 -0.48 -12.28 9.42
CA PRO B 122 0.14 -13.52 9.90
C PRO B 122 -0.25 -14.78 9.13
N LEU B 123 -1.29 -14.70 8.29
CA LEU B 123 -1.58 -15.82 7.40
C LEU B 123 -0.41 -16.14 6.47
N ALA B 124 0.37 -15.10 6.11
CA ALA B 124 1.48 -15.30 5.20
C ALA B 124 2.60 -16.18 5.77
N ALA B 125 2.61 -16.39 7.07
CA ALA B 125 3.63 -17.21 7.70
C ALA B 125 3.20 -18.69 7.76
N GLU B 126 1.95 -18.95 7.48
CA GLU B 126 1.40 -20.31 7.57
C GLU B 126 1.53 -21.00 6.24
N LEU B 127 1.37 -22.36 6.27
CA LEU B 127 1.11 -23.13 5.02
C LEU B 127 2.27 -22.92 4.03
N GLU B 128 2.06 -22.26 2.89
CA GLU B 128 3.16 -21.97 1.95
C GLU B 128 4.26 -21.11 2.55
N GLY B 129 3.90 -20.28 3.51
CA GLY B 129 4.85 -19.41 4.19
C GLY B 129 5.82 -20.12 5.13
N GLY B 130 5.63 -21.41 5.37
CA GLY B 130 6.59 -22.23 6.14
C GLY B 130 7.95 -22.35 5.44
N PRO B 131 7.98 -22.99 4.26
CA PRO B 131 9.25 -23.01 3.52
C PRO B 131 9.68 -21.65 2.93
N ARG B 132 8.73 -20.73 2.70
CA ARG B 132 9.07 -19.49 2.01
C ARG B 132 8.43 -18.33 2.74
N PRO B 133 9.05 -17.91 3.85
CA PRO B 133 8.47 -16.91 4.72
C PRO B 133 8.37 -15.45 4.22
N THR B 134 9.03 -15.14 3.11
CA THR B 134 8.89 -13.82 2.54
C THR B 134 8.20 -13.89 1.17
N HIS B 135 7.70 -15.06 0.76
CA HIS B 135 7.18 -15.19 -0.63
C HIS B 135 5.98 -14.23 -0.79
N PHE B 136 5.09 -14.25 0.20
CA PHE B 136 3.84 -13.52 0.02
C PHE B 136 4.01 -12.00 0.11
N ALA B 137 5.01 -11.55 0.88
CA ALA B 137 5.32 -10.12 0.86
C ALA B 137 5.69 -9.71 -0.56
N GLY B 138 6.49 -10.54 -1.29
CA GLY B 138 6.81 -10.27 -2.63
C GLY B 138 5.61 -10.21 -3.56
N VAL B 139 4.73 -11.22 -3.42
CA VAL B 139 3.53 -11.30 -4.26
C VAL B 139 2.64 -10.06 -3.98
N LEU B 140 2.38 -9.79 -2.72
CA LEU B 140 1.45 -8.69 -2.44
C LEU B 140 2.04 -7.33 -2.88
N THR B 141 3.36 -7.17 -2.75
CA THR B 141 3.99 -5.91 -3.23
C THR B 141 3.80 -5.74 -4.70
N VAL B 142 4.06 -6.80 -5.46
N VAL B 142 4.07 -6.81 -5.45
CA VAL B 142 3.92 -6.65 -6.90
CA VAL B 142 3.89 -6.75 -6.91
C VAL B 142 2.46 -6.54 -7.35
C VAL B 142 2.45 -6.53 -7.32
N VAL B 143 1.55 -7.29 -6.71
CA VAL B 143 0.13 -7.17 -7.02
C VAL B 143 -0.37 -5.74 -6.73
N LEU B 144 0.05 -5.18 -5.58
CA LEU B 144 -0.34 -3.81 -5.29
C LEU B 144 0.12 -2.83 -6.41
N LYS B 145 1.43 -2.95 -6.79
CA LYS B 145 1.99 -2.12 -7.83
C LYS B 145 1.24 -2.26 -9.14
N LEU B 146 0.91 -3.50 -9.51
CA LEU B 146 0.21 -3.70 -10.83
C LEU B 146 -1.18 -3.07 -10.73
N LEU B 147 -1.85 -3.22 -9.56
CA LEU B 147 -3.17 -2.62 -9.38
C LEU B 147 -3.13 -1.12 -9.50
N GLN B 148 -2.04 -0.51 -9.04
CA GLN B 148 -1.98 0.95 -9.11
C GLN B 148 -1.61 1.42 -10.50
N ILE B 149 -0.74 0.65 -11.17
CA ILE B 149 -0.32 1.01 -12.56
C ILE B 149 -1.50 0.94 -13.51
N VAL B 150 -2.22 -0.16 -13.46
CA VAL B 150 -3.33 -0.49 -14.42
C VAL B 150 -4.70 0.05 -13.98
N ARG B 151 -4.95 0.15 -12.67
N ARG B 151 -4.93 0.20 -12.67
CA ARG B 151 -6.26 0.61 -12.11
CA ARG B 151 -6.25 0.61 -12.14
C ARG B 151 -7.46 -0.14 -12.73
C ARG B 151 -7.37 -0.14 -12.86
N PRO B 152 -7.39 -1.49 -12.70
CA PRO B 152 -8.47 -2.27 -13.28
C PRO B 152 -9.73 -2.20 -12.45
N ASP B 153 -10.85 -2.54 -13.10
CA ASP B 153 -12.08 -2.67 -12.38
C ASP B 153 -12.12 -4.04 -11.69
N ARG B 154 -11.53 -5.05 -12.34
CA ARG B 154 -11.54 -6.39 -11.75
C ARG B 154 -10.14 -6.97 -12.01
N VAL B 155 -9.70 -7.80 -11.06
CA VAL B 155 -8.43 -8.46 -11.17
C VAL B 155 -8.73 -9.98 -10.94
N PHE B 156 -8.07 -10.82 -11.74
CA PHE B 156 -8.39 -12.28 -11.85
C PHE B 156 -7.19 -13.13 -11.37
N PHE B 157 -7.49 -14.03 -10.45
CA PHE B 157 -6.47 -14.93 -9.92
C PHE B 157 -7.04 -16.33 -9.85
N GLY B 158 -6.16 -17.33 -10.01
CA GLY B 158 -6.66 -18.71 -9.96
C GLY B 158 -6.90 -19.13 -8.53
N GLU B 159 -7.85 -20.03 -8.37
CA GLU B 159 -8.01 -20.65 -7.05
C GLU B 159 -6.94 -21.65 -6.68
N LYS B 160 -6.11 -22.08 -7.65
CA LYS B 160 -5.11 -23.12 -7.34
C LYS B 160 -4.15 -22.65 -6.24
N ASP B 161 -3.76 -21.37 -6.34
CA ASP B 161 -2.93 -20.73 -5.28
C ASP B 161 -3.89 -20.07 -4.31
N TYR B 162 -4.58 -20.90 -3.57
CA TYR B 162 -5.74 -20.40 -2.75
C TYR B 162 -5.26 -19.45 -1.63
N GLN B 163 -4.17 -19.79 -0.98
CA GLN B 163 -3.69 -18.93 0.11
C GLN B 163 -3.29 -17.54 -0.48
N GLN B 164 -2.60 -17.55 -1.61
CA GLN B 164 -2.37 -16.28 -2.33
C GLN B 164 -3.65 -15.50 -2.58
N LEU B 165 -4.68 -16.18 -3.05
CA LEU B 165 -5.96 -15.51 -3.36
C LEU B 165 -6.53 -14.89 -2.09
N VAL B 166 -6.48 -15.62 -0.98
CA VAL B 166 -7.04 -15.08 0.31
C VAL B 166 -6.23 -13.90 0.79
N LEU B 167 -4.91 -14.01 0.63
CA LEU B 167 -4.07 -12.88 1.07
C LEU B 167 -4.31 -11.66 0.19
N ILE B 168 -4.49 -11.89 -1.13
N ILE B 168 -4.59 -11.81 -1.11
CA ILE B 168 -4.87 -10.78 -2.00
CA ILE B 168 -4.89 -10.59 -1.94
C ILE B 168 -6.14 -10.12 -1.49
C ILE B 168 -6.29 -10.02 -1.61
N ARG B 169 -7.21 -10.90 -1.20
CA ARG B 169 -8.40 -10.31 -0.64
CA ARG B 169 -8.46 -10.42 -0.60
C ARG B 169 -8.15 -9.54 0.66
N GLN B 170 -7.22 -10.01 1.48
CA GLN B 170 -6.84 -9.24 2.68
C GLN B 170 -6.21 -7.89 2.30
N LEU B 171 -5.34 -7.93 1.32
CA LEU B 171 -4.67 -6.69 0.82
C LEU B 171 -5.76 -5.70 0.41
N VAL B 172 -6.72 -6.15 -0.41
CA VAL B 172 -7.72 -5.31 -0.97
C VAL B 172 -8.58 -4.73 0.16
N ALA B 173 -8.96 -5.56 1.11
CA ALA B 173 -9.80 -5.07 2.23
C ALA B 173 -9.00 -4.10 3.08
N ASP B 174 -7.78 -4.49 3.41
CA ASP B 174 -6.98 -3.74 4.42
C ASP B 174 -6.49 -2.40 3.91
N PHE B 175 -6.23 -2.27 2.59
CA PHE B 175 -5.78 -0.97 2.05
C PHE B 175 -6.92 -0.25 1.32
N ASN B 176 -8.18 -0.74 1.42
CA ASN B 176 -9.33 -0.04 0.90
C ASN B 176 -9.25 0.13 -0.62
N LEU B 177 -8.66 -0.91 -1.27
CA LEU B 177 -8.60 -0.89 -2.74
C LEU B 177 -9.94 -1.03 -3.42
N ASP B 178 -10.24 -0.30 -4.49
N ASP B 178 -10.07 -0.21 -4.48
CA ASP B 178 -11.66 -0.42 -5.00
CA ASP B 178 -11.25 -0.18 -5.32
C ASP B 178 -11.91 -1.50 -6.11
C ASP B 178 -11.06 -1.05 -6.57
N VAL B 179 -10.93 -2.34 -6.33
CA VAL B 179 -10.96 -3.36 -7.40
C VAL B 179 -11.77 -4.53 -6.87
N ALA B 180 -12.43 -5.25 -7.80
CA ALA B 180 -13.08 -6.51 -7.46
C ALA B 180 -12.11 -7.66 -7.73
N VAL B 181 -11.88 -8.54 -6.75
CA VAL B 181 -10.98 -9.70 -6.94
C VAL B 181 -11.83 -10.87 -7.35
N VAL B 182 -11.44 -11.50 -8.45
CA VAL B 182 -12.27 -12.62 -8.98
C VAL B 182 -11.37 -13.86 -8.94
N GLY B 183 -11.83 -14.87 -8.22
CA GLY B 183 -11.15 -16.19 -8.20
C GLY B 183 -11.72 -17.09 -9.30
N VAL B 184 -10.83 -17.78 -10.01
CA VAL B 184 -11.26 -18.60 -11.15
C VAL B 184 -10.88 -20.08 -10.83
N PRO B 185 -11.84 -21.01 -10.98
CA PRO B 185 -11.60 -22.41 -10.58
C PRO B 185 -10.41 -22.99 -11.32
N THR B 186 -9.76 -23.91 -10.63
CA THR B 186 -8.55 -24.58 -11.13
C THR B 186 -8.86 -25.33 -12.40
N VAL B 187 -7.99 -25.22 -13.41
CA VAL B 187 -8.12 -26.02 -14.62
C VAL B 187 -7.26 -27.29 -14.39
N ARG B 188 -7.76 -28.42 -14.89
CA ARG B 188 -7.17 -29.70 -14.50
C ARG B 188 -6.95 -30.53 -15.74
N GLU B 189 -5.93 -31.36 -15.64
CA GLU B 189 -5.68 -32.41 -16.67
C GLU B 189 -6.84 -33.41 -16.54
N ALA B 190 -6.93 -34.33 -17.52
CA ALA B 190 -8.02 -35.28 -17.58
C ALA B 190 -8.17 -36.12 -16.32
N ASP B 191 -7.06 -36.45 -15.64
CA ASP B 191 -7.17 -37.28 -14.40
C ASP B 191 -7.36 -36.48 -13.12
N GLY B 192 -7.53 -35.14 -13.26
CA GLY B 192 -7.68 -34.27 -12.10
C GLY B 192 -6.45 -33.43 -11.71
N LEU B 193 -5.25 -33.82 -12.13
CA LEU B 193 -4.01 -33.07 -11.71
C LEU B 193 -4.14 -31.59 -12.08
N ALA B 194 -3.94 -30.73 -11.10
CA ALA B 194 -4.08 -29.29 -11.43
C ALA B 194 -2.98 -28.82 -12.44
N MET B 195 -3.38 -28.08 -13.46
CA MET B 195 -2.34 -27.60 -14.40
C MET B 195 -1.22 -26.74 -13.78
N SER B 196 0.01 -26.99 -14.28
CA SER B 196 1.21 -26.32 -13.83
C SER B 196 2.33 -26.63 -14.77
N SER B 197 3.16 -25.60 -15.03
CA SER B 197 4.37 -25.82 -15.79
C SER B 197 5.31 -26.86 -15.07
N ARG B 198 5.13 -27.06 -13.78
CA ARG B 198 5.99 -28.01 -13.01
C ARG B 198 5.65 -29.46 -13.27
N ASN B 199 4.44 -29.73 -13.79
CA ASN B 199 4.01 -31.11 -14.00
C ASN B 199 4.93 -31.85 -14.98
N ARG B 200 5.47 -31.12 -15.96
CA ARG B 200 6.29 -31.78 -16.98
C ARG B 200 7.63 -32.31 -16.46
N TYR B 201 8.06 -31.82 -15.27
CA TYR B 201 9.27 -32.30 -14.63
C TYR B 201 9.10 -33.68 -13.98
N LEU B 202 7.84 -34.12 -13.80
CA LEU B 202 7.58 -35.41 -13.14
C LEU B 202 7.92 -36.55 -14.06
N ASP B 203 8.66 -37.54 -13.55
CA ASP B 203 8.79 -38.76 -14.31
C ASP B 203 7.49 -39.59 -14.31
N PRO B 204 7.38 -40.71 -15.08
CA PRO B 204 6.13 -41.35 -15.23
C PRO B 204 5.54 -41.88 -13.85
N ALA B 205 6.40 -42.42 -12.98
CA ALA B 205 5.95 -42.92 -11.67
C ALA B 205 5.47 -41.74 -10.79
N GLN B 206 6.23 -40.65 -10.83
CA GLN B 206 5.81 -39.42 -10.13
C GLN B 206 4.53 -38.84 -10.69
N ARG B 207 4.40 -38.81 -12.00
CA ARG B 207 3.20 -38.22 -12.57
C ARG B 207 1.98 -39.07 -12.27
N ALA B 208 2.16 -40.38 -12.20
CA ALA B 208 1.05 -41.25 -11.77
C ALA B 208 0.69 -41.04 -10.32
N ALA B 209 1.70 -40.88 -9.46
CA ALA B 209 1.46 -40.67 -8.03
C ALA B 209 0.82 -39.34 -7.77
N ALA B 210 1.10 -38.34 -8.63
CA ALA B 210 0.65 -36.94 -8.38
C ALA B 210 -0.87 -36.79 -8.43
N VAL B 211 -1.56 -37.72 -9.07
N VAL B 211 -1.52 -37.75 -9.06
CA VAL B 211 -3.05 -37.67 -9.12
CA VAL B 211 -2.99 -37.79 -9.10
C VAL B 211 -3.63 -37.91 -7.72
C VAL B 211 -3.57 -37.82 -7.70
N ALA B 212 -2.82 -38.41 -6.79
CA ALA B 212 -3.29 -38.58 -5.38
C ALA B 212 -3.69 -37.27 -4.74
N LEU B 213 -3.11 -36.15 -5.17
CA LEU B 213 -3.50 -34.86 -4.53
C LEU B 213 -4.99 -34.56 -4.82
N SER B 214 -5.30 -34.55 -6.10
CA SER B 214 -6.66 -34.20 -6.44
C SER B 214 -7.61 -35.29 -6.04
N ALA B 215 -7.19 -36.54 -6.17
CA ALA B 215 -8.07 -37.71 -5.74
C ALA B 215 -8.33 -37.64 -4.23
N ALA B 216 -7.34 -37.28 -3.46
CA ALA B 216 -7.52 -37.16 -2.03
C ALA B 216 -8.52 -36.09 -1.74
N LEU B 217 -8.39 -34.96 -2.47
CA LEU B 217 -9.30 -33.81 -2.16
C LEU B 217 -10.73 -34.06 -2.59
N THR B 218 -10.95 -34.66 -3.75
CA THR B 218 -12.32 -34.96 -4.14
CA THR B 218 -12.28 -34.96 -4.18
C THR B 218 -12.90 -36.07 -3.27
N ALA B 219 -12.07 -37.03 -2.80
CA ALA B 219 -12.57 -38.07 -1.85
C ALA B 219 -13.03 -37.34 -0.61
N ALA B 220 -12.19 -36.43 -0.10
CA ALA B 220 -12.55 -35.73 1.12
C ALA B 220 -13.85 -34.91 0.92
N ALA B 221 -14.02 -34.28 -0.23
CA ALA B 221 -15.20 -33.44 -0.37
C ALA B 221 -16.51 -34.28 -0.35
N HIS B 222 -16.41 -35.52 -0.80
CA HIS B 222 -17.56 -36.43 -0.83
C HIS B 222 -17.73 -37.13 0.52
N ALA B 223 -16.62 -37.46 1.18
CA ALA B 223 -16.67 -38.01 2.50
C ALA B 223 -17.29 -37.04 3.52
N ALA B 224 -17.23 -35.73 3.21
CA ALA B 224 -17.58 -34.67 4.20
C ALA B 224 -19.00 -34.70 4.69
N THR B 225 -19.89 -35.37 3.96
CA THR B 225 -21.23 -35.64 4.57
C THR B 225 -21.14 -36.37 5.93
N ALA B 226 -20.07 -37.13 6.21
CA ALA B 226 -19.85 -37.84 7.43
C ALA B 226 -19.01 -37.05 8.42
N GLY B 227 -18.71 -35.80 8.06
CA GLY B 227 -18.10 -34.81 8.97
C GLY B 227 -16.62 -34.56 8.69
N ALA B 228 -16.05 -33.64 9.48
CA ALA B 228 -14.66 -33.18 9.22
C ALA B 228 -13.61 -34.23 9.34
N GLN B 229 -13.70 -35.04 10.40
CA GLN B 229 -12.70 -36.06 10.59
C GLN B 229 -12.74 -37.05 9.45
N ALA B 230 -13.93 -37.44 9.05
CA ALA B 230 -14.07 -38.38 7.92
C ALA B 230 -13.43 -37.85 6.63
N ALA B 231 -13.58 -36.55 6.37
CA ALA B 231 -13.08 -35.87 5.14
C ALA B 231 -11.56 -35.90 5.25
N LEU B 232 -11.03 -35.52 6.40
CA LEU B 232 -9.56 -35.55 6.55
C LEU B 232 -8.97 -36.93 6.46
N ASP B 233 -9.63 -37.92 7.12
CA ASP B 233 -9.11 -39.28 7.09
C ASP B 233 -9.18 -39.86 5.70
N ALA B 234 -10.24 -39.55 4.97
CA ALA B 234 -10.32 -40.07 3.56
C ALA B 234 -9.16 -39.46 2.73
N ALA B 235 -8.95 -38.13 2.84
CA ALA B 235 -7.83 -37.56 2.06
C ALA B 235 -6.51 -38.20 2.49
N ARG B 236 -6.31 -38.36 3.82
CA ARG B 236 -4.99 -38.93 4.27
C ARG B 236 -4.83 -40.36 3.71
N ALA B 237 -5.92 -41.14 3.64
CA ALA B 237 -5.78 -42.51 3.16
C ALA B 237 -5.35 -42.53 1.67
N VAL B 238 -5.95 -41.65 0.85
CA VAL B 238 -5.54 -41.57 -0.54
C VAL B 238 -4.06 -41.18 -0.70
N LEU B 239 -3.62 -40.15 0.02
CA LEU B 239 -2.22 -39.79 -0.03
C LEU B 239 -1.34 -40.93 0.49
N ASP B 240 -1.79 -41.65 1.54
CA ASP B 240 -1.01 -42.79 2.00
C ASP B 240 -0.93 -43.96 1.00
N ALA B 241 -1.78 -43.98 -0.03
CA ALA B 241 -1.77 -45.02 -1.04
C ALA B 241 -0.78 -44.72 -2.16
N ALA B 242 -0.15 -43.54 -2.08
CA ALA B 242 0.81 -43.09 -3.13
C ALA B 242 2.24 -43.20 -2.70
N PRO B 243 3.09 -43.76 -3.56
CA PRO B 243 4.51 -43.79 -3.24
C PRO B 243 5.23 -42.46 -3.68
N GLY B 244 6.24 -42.09 -2.93
CA GLY B 244 7.09 -40.94 -3.30
C GLY B 244 6.40 -39.59 -3.17
N VAL B 245 5.34 -39.56 -2.36
CA VAL B 245 4.59 -38.28 -2.15
C VAL B 245 4.79 -37.81 -0.74
N ALA B 246 5.66 -36.81 -0.58
CA ALA B 246 6.01 -36.38 0.80
C ALA B 246 5.08 -35.21 1.11
N VAL B 247 4.07 -35.48 1.94
CA VAL B 247 3.06 -34.43 2.20
C VAL B 247 3.60 -33.39 3.15
N ASP B 248 3.57 -32.15 2.72
CA ASP B 248 4.03 -31.09 3.64
C ASP B 248 2.95 -30.64 4.57
N TYR B 249 1.73 -30.53 4.05
CA TYR B 249 0.59 -30.27 4.90
C TYR B 249 -0.69 -30.76 4.28
N LEU B 250 -1.69 -30.99 5.14
CA LEU B 250 -3.04 -31.32 4.64
C LEU B 250 -3.94 -30.70 5.73
N GLU B 251 -4.61 -29.63 5.36
CA GLU B 251 -5.32 -28.78 6.37
C GLU B 251 -6.66 -28.41 5.93
N LEU B 252 -7.64 -28.56 6.83
CA LEU B 252 -8.98 -28.12 6.56
C LEU B 252 -9.15 -26.83 7.38
N ARG B 253 -9.51 -25.80 6.66
CA ARG B 253 -9.69 -24.44 7.25
C ARG B 253 -11.01 -23.87 6.85
N ASP B 254 -11.41 -22.74 7.45
CA ASP B 254 -12.58 -22.07 6.94
C ASP B 254 -12.21 -21.38 5.60
N ILE B 255 -13.19 -20.80 4.93
CA ILE B 255 -12.92 -20.31 3.58
C ILE B 255 -11.91 -19.16 3.56
N GLY B 256 -11.81 -18.43 4.68
CA GLY B 256 -10.76 -17.37 4.71
C GLY B 256 -9.47 -17.81 5.39
N LEU B 257 -9.29 -19.12 5.54
CA LEU B 257 -8.10 -19.80 6.12
C LEU B 257 -7.90 -19.64 7.63
N GLY B 258 -8.95 -19.19 8.31
CA GLY B 258 -9.04 -19.34 9.76
C GLY B 258 -9.35 -20.76 10.12
N PRO B 259 -9.58 -21.02 11.43
CA PRO B 259 -9.82 -22.35 11.96
C PRO B 259 -11.12 -22.89 11.36
N MET B 260 -11.16 -24.17 11.03
CA MET B 260 -12.42 -24.70 10.48
C MET B 260 -13.50 -24.67 11.54
N PRO B 261 -14.69 -24.13 11.18
CA PRO B 261 -15.86 -24.16 12.06
C PRO B 261 -16.42 -25.59 12.13
N LEU B 262 -17.26 -25.88 13.12
CA LEU B 262 -17.70 -27.28 13.28
C LEU B 262 -18.61 -27.86 12.15
N ASN B 263 -19.34 -26.99 11.45
CA ASN B 263 -19.97 -27.35 10.16
C ASN B 263 -19.91 -26.22 9.14
N GLY B 264 -20.51 -26.46 7.98
CA GLY B 264 -20.63 -25.43 6.97
C GLY B 264 -19.39 -25.42 6.07
N SER B 265 -19.03 -24.26 5.58
CA SER B 265 -18.10 -24.16 4.42
C SER B 265 -16.67 -24.13 4.83
N GLY B 266 -15.84 -24.82 4.09
CA GLY B 266 -14.42 -24.76 4.36
C GLY B 266 -13.63 -24.98 3.09
N ARG B 267 -12.33 -25.06 3.31
CA ARG B 267 -11.38 -25.30 2.21
C ARG B 267 -10.36 -26.30 2.76
N LEU B 268 -10.06 -27.32 1.92
CA LEU B 268 -9.03 -28.30 2.23
C LEU B 268 -7.87 -28.10 1.31
N LEU B 269 -6.69 -27.86 1.91
CA LEU B 269 -5.44 -27.61 1.19
C LEU B 269 -4.42 -28.69 1.44
N VAL B 270 -3.68 -28.97 0.38
CA VAL B 270 -2.60 -29.97 0.47
C VAL B 270 -1.40 -29.44 -0.28
N ALA B 271 -0.21 -29.81 0.20
CA ALA B 271 0.98 -29.59 -0.60
C ALA B 271 1.91 -30.74 -0.38
N ALA B 272 2.65 -31.12 -1.42
CA ALA B 272 3.57 -32.25 -1.28
C ALA B 272 4.71 -32.13 -2.23
N ARG B 273 5.76 -32.83 -1.91
CA ARG B 273 6.96 -32.88 -2.75
C ARG B 273 7.09 -34.23 -3.35
N LEU B 274 7.29 -34.26 -4.67
CA LEU B 274 7.58 -35.48 -5.45
C LEU B 274 8.94 -35.29 -6.04
N GLY B 275 9.92 -35.95 -5.43
CA GLY B 275 11.33 -35.77 -5.94
C GLY B 275 11.70 -34.37 -5.47
N THR B 276 11.96 -33.47 -6.42
CA THR B 276 12.33 -32.08 -6.08
C THR B 276 11.18 -31.15 -6.51
N THR B 277 10.03 -31.69 -6.92
CA THR B 277 8.94 -30.84 -7.42
C THR B 277 7.83 -30.71 -6.35
N ARG B 278 7.49 -29.49 -5.99
CA ARG B 278 6.41 -29.22 -5.01
C ARG B 278 5.13 -28.94 -5.75
N LEU B 279 4.05 -29.66 -5.35
CA LEU B 279 2.75 -29.51 -5.98
C LEU B 279 1.77 -29.07 -4.93
N LEU B 280 0.79 -28.26 -5.34
CA LEU B 280 -0.26 -27.79 -4.40
C LEU B 280 -1.61 -28.10 -5.00
N ASP B 281 -2.64 -28.25 -4.16
CA ASP B 281 -4.02 -28.31 -4.63
C ASP B 281 -4.89 -27.95 -3.44
N ASN B 282 -6.14 -27.67 -3.75
CA ASN B 282 -7.14 -27.42 -2.69
C ASN B 282 -8.53 -27.60 -3.28
N ILE B 283 -9.51 -27.65 -2.38
CA ILE B 283 -10.91 -27.83 -2.81
C ILE B 283 -11.88 -27.24 -1.78
N ALA B 284 -13.03 -26.82 -2.27
CA ALA B 284 -14.18 -26.50 -1.40
C ALA B 284 -14.65 -27.71 -0.64
N ILE B 285 -14.98 -27.53 0.64
CA ILE B 285 -15.50 -28.59 1.45
C ILE B 285 -16.76 -28.07 2.14
N GLU B 286 -17.83 -28.86 2.15
CA GLU B 286 -19.06 -28.46 2.91
C GLU B 286 -19.25 -29.54 3.96
N ILE B 287 -19.15 -29.15 5.20
CA ILE B 287 -19.13 -30.14 6.29
C ILE B 287 -20.54 -30.56 6.65
N GLY B 288 -20.82 -31.86 6.41
CA GLY B 288 -22.08 -32.50 6.77
C GLY B 288 -23.22 -32.23 5.80
C1 EOH C . -9.47 -8.74 16.34
C2 EOH C . -9.57 -7.93 17.60
O EOH C . -8.17 -9.14 15.91
C1 EOH D . 15.69 34.74 12.30
C2 EOH D . 15.35 34.80 10.78
O EOH D . 15.96 33.46 12.93
C1 EOH E . 3.29 4.13 -13.38
C2 EOH E . 2.87 5.36 -14.20
O EOH E . 3.79 4.47 -12.09
C1 EDO F . -4.66 -2.52 8.10
O1 EDO F . -4.08 -3.74 8.60
C2 EDO F . -6.05 -2.75 7.69
O2 EDO F . -6.57 -1.52 7.97
OAC 0W1 G . 11.41 31.99 4.98
CAH 0W1 G . 12.06 30.92 5.22
OAD 0W1 G . 12.47 30.22 4.25
CAJ 0W1 G . 12.36 30.56 6.50
CAE 0W1 G . 12.24 31.38 7.56
SAG 0W1 G . 12.95 28.96 7.03
CAL 0W1 G . 13.03 29.55 8.71
CAK 0W1 G . 12.59 30.85 8.77
CAI 0W1 G . 12.66 31.22 10.07
CAA 0W1 G . 12.28 32.59 10.66
NAF 0W1 G . 13.09 30.21 10.82
NAM 0W1 G . 13.32 29.16 9.98
CAB 0W1 G . 13.86 27.80 10.42
C1 EDO H . 0.78 20.11 10.44
O1 EDO H . 1.96 20.84 10.71
C2 EDO H . 0.28 20.89 9.23
O2 EDO H . 1.27 20.76 8.21
C1 EDO I . -2.15 11.95 8.78
O1 EDO I . -1.47 13.10 9.30
C2 EDO I . -1.25 10.77 9.08
O2 EDO I . -1.86 10.07 10.16
C1 GOL J . 11.68 -3.53 17.10
O1 GOL J . 10.67 -3.47 18.09
C2 GOL J . 11.01 -3.24 15.76
O2 GOL J . 11.93 -3.26 14.71
C3 GOL J . 9.78 -4.09 15.42
O3 GOL J . 9.53 -4.00 14.01
C1 EDO K . 2.76 24.00 7.44
O1 EDO K . 3.39 24.50 8.68
C2 EDO K . 3.28 22.60 7.17
O2 EDO K . 4.71 22.48 6.97
OAC 0W1 L . -1.89 -18.10 -12.57
CAH 0W1 L . -1.64 -19.32 -12.42
OAD 0W1 L . -0.49 -19.72 -12.08
CAJ 0W1 L . -2.66 -20.13 -12.58
CAE 0W1 L . -2.70 -21.47 -12.47
SAG 0W1 L . -4.23 -19.44 -12.96
CAL 0W1 L . -4.96 -21.13 -12.99
CAK 0W1 L . -3.98 -22.06 -12.72
CAI 0W1 L . -4.68 -23.25 -12.77
CAA 0W1 L . -4.20 -24.67 -12.56
NAF 0W1 L . -6.01 -23.05 -13.06
NAM 0W1 L . -6.13 -21.72 -13.21
CAB 0W1 L . -7.42 -20.97 -13.54
OAC 0W1 M . -15.03 -28.65 -8.35
CAH 0W1 M . -14.80 -29.59 -9.15
OAD 0W1 M . -15.64 -29.91 -10.03
CAJ 0W1 M . -13.66 -30.27 -8.95
CAE 0W1 M . -13.14 -31.30 -9.66
SAG 0W1 M . -12.62 -29.87 -7.74
CAL 0W1 M . -11.50 -31.06 -8.06
CAK 0W1 M . -11.96 -31.75 -9.17
CAI 0W1 M . -11.03 -32.70 -9.42
CAA 0W1 M . -11.05 -33.74 -10.55
NAF 0W1 M . -10.02 -32.61 -8.53
NAM 0W1 M . -10.31 -31.54 -7.66
CAB 0W1 M . -9.40 -31.17 -6.48
C1 EDO N . 10.19 -37.97 -1.13
O1 EDO N . 11.51 -38.41 -1.61
C2 EDO N . 9.48 -37.16 -2.21
O2 EDO N . 9.41 -38.00 -3.38
C1 EDO O . 2.92 -22.75 -13.06
O1 EDO O . 2.68 -22.96 -14.44
C2 EDO O . 2.09 -21.56 -12.67
O2 EDO O . 0.75 -22.02 -12.83
C1 EDO P . 9.88 -0.48 -3.78
O1 EDO P . 10.06 -1.45 -2.84
C2 EDO P . 8.86 -1.26 -4.58
O2 EDO P . 8.87 -0.51 -5.78
C1 EOH Q . -5.24 -36.19 9.27
C2 EOH Q . -5.51 -34.87 9.97
O EOH Q . -4.34 -36.11 8.17
C1 EOH R . 10.95 0.29 -19.97
C2 EOH R . 10.35 0.54 -21.36
O EOH R . 10.24 0.97 -18.95
C1 EOH S . -13.97 -16.72 6.68
C2 EOH S . -13.40 -15.44 6.07
O EOH S . -15.38 -16.81 6.64
C1 EOH T . -6.55 -0.54 -7.03
C2 EOH T . -6.08 0.45 -5.97
O EOH T . -7.92 -0.85 -6.87
C1 GOL U . 3.87 -11.89 -10.00
O1 GOL U . 4.37 -11.04 -11.03
C2 GOL U . 2.39 -11.58 -9.76
O2 GOL U . 1.90 -11.09 -10.97
C3 GOL U . 1.50 -12.72 -9.20
O3 GOL U . 0.96 -13.53 -10.24
#